data_1VLV
#
_entry.id   1VLV
#
_cell.length_a   210.339
_cell.length_b   210.339
_cell.length_c   210.339
_cell.angle_alpha   90.00
_cell.angle_beta   90.00
_cell.angle_gamma   90.00
#
_symmetry.space_group_name_H-M   'F 4 3 2'
#
loop_
_entity.id
_entity.type
_entity.pdbx_description
1 polymer 'Ornithine carbamoyltransferase'
2 non-polymer 'PHOSPHATE ION'
3 water water
#
_entity_poly.entity_id   1
_entity_poly.type   'polypeptide(L)'
_entity_poly.pdbx_seq_one_letter_code
;MGSDKIHHHHHHMSVNLKGRSLLTLLDFSPEEIRYLLDISKQVKMENRSKLRTERFKGMTLAMIFEKRSTRTRLAFETAF
AEEGGHPIFLSPNDIHLGAKESLEDTARVLGRMVDAIMFRGYKQETVEKLAEYSGVPVYNGLTDEFHPTQALADLMTIEE
NFGRLKGVKVVFMGDTRNNVATSLMIACAKMGMNFVACGPEELKPRSDVFKRCQEIVKETDGSVSFTSNLEEALAGADVV
YTDVWASMGEEDKEKERMALLKPYQVNERVMEMTGKSETIFMHCLPAVKGQEVTYEVIEGKQSRVWDEAENRKHTIKAVM
IATLL
;
_entity_poly.pdbx_strand_id   A
#
# COMPACT_ATOMS: atom_id res chain seq x y z
N HIS A 8 -7.83 19.05 17.58
CA HIS A 8 -8.27 20.13 16.65
C HIS A 8 -9.15 21.12 17.38
N HIS A 9 -8.93 21.32 18.70
CA HIS A 9 -9.95 21.88 19.66
C HIS A 9 -11.06 20.86 20.00
N HIS A 10 -11.76 20.35 18.98
CA HIS A 10 -12.48 19.05 19.09
C HIS A 10 -11.82 18.15 18.10
N HIS A 11 -11.08 17.18 18.61
CA HIS A 11 -10.43 16.18 17.79
C HIS A 11 -11.44 15.24 17.08
N HIS A 12 -11.30 15.09 15.76
CA HIS A 12 -12.15 14.20 14.97
C HIS A 12 -11.71 12.75 15.16
N MET A 13 -12.65 11.85 15.50
CA MET A 13 -12.26 10.46 15.85
C MET A 13 -13.17 9.35 15.28
N SER A 14 -14.03 9.69 14.33
CA SER A 14 -14.92 8.73 13.73
C SER A 14 -14.13 7.71 12.88
N VAL A 15 -14.71 6.50 12.77
CA VAL A 15 -14.06 5.40 12.07
C VAL A 15 -14.86 4.92 10.84
N ASN A 16 -16.16 5.23 10.79
CA ASN A 16 -17.05 4.80 9.70
C ASN A 16 -16.54 5.31 8.35
N LEU A 17 -16.49 4.42 7.36
CA LEU A 17 -15.99 4.72 6.01
C LEU A 17 -16.97 4.39 4.88
N LYS A 18 -18.24 4.23 5.21
CA LYS A 18 -19.20 3.75 4.26
C LYS A 18 -19.31 4.77 3.13
N GLY A 19 -19.13 4.30 1.90
CA GLY A 19 -19.24 5.17 0.74
C GLY A 19 -17.96 5.83 0.31
N ARG A 20 -16.89 5.67 1.09
CA ARG A 20 -15.62 6.37 0.82
C ARG A 20 -14.79 5.65 -0.24
N SER A 21 -13.96 6.45 -0.91
CA SER A 21 -12.94 5.95 -1.80
C SER A 21 -11.57 5.81 -1.13
N LEU A 22 -10.73 4.99 -1.70
CA LEU A 22 -9.35 4.86 -1.26
C LEU A 22 -8.42 5.32 -2.37
N LEU A 23 -8.21 6.64 -2.46
CA LEU A 23 -7.29 7.21 -3.46
C LEU A 23 -5.85 7.35 -2.93
N THR A 24 -5.74 7.60 -1.63
CA THR A 24 -4.48 7.70 -0.92
C THR A 24 -4.75 7.69 0.58
N LEU A 25 -3.77 7.24 1.35
CA LEU A 25 -3.90 7.22 2.80
C LEU A 25 -3.85 8.61 3.40
N LEU A 26 -3.37 9.60 2.65
CA LEU A 26 -3.50 10.99 3.08
C LEU A 26 -4.95 11.41 3.40
N ASP A 27 -5.92 10.76 2.78
CA ASP A 27 -7.33 11.07 3.02
C ASP A 27 -7.93 10.36 4.27
N PHE A 28 -7.10 9.59 5.01
CA PHE A 28 -7.56 8.77 6.12
C PHE A 28 -6.87 9.17 7.43
N SER A 29 -7.65 9.17 8.51
CA SER A 29 -7.14 9.47 9.85
C SER A 29 -6.45 8.25 10.41
N PRO A 30 -5.57 8.43 11.41
CA PRO A 30 -5.00 7.26 12.07
C PRO A 30 -6.06 6.32 12.62
N GLU A 31 -7.15 6.86 13.16
CA GLU A 31 -8.25 6.07 13.69
C GLU A 31 -8.97 5.24 12.62
N GLU A 32 -9.19 5.82 11.45
CA GLU A 32 -9.73 5.08 10.30
C GLU A 32 -8.80 3.96 9.79
N ILE A 33 -7.50 4.21 9.78
CA ILE A 33 -6.54 3.21 9.37
C ILE A 33 -6.46 2.08 10.42
N ARG A 34 -6.51 2.41 11.69
CA ARG A 34 -6.52 1.39 12.76
C ARG A 34 -7.73 0.49 12.66
N TYR A 35 -8.86 1.07 12.32
CA TYR A 35 -10.11 0.35 12.11
C TYR A 35 -10.00 -0.63 10.91
N LEU A 36 -9.38 -0.15 9.83
CA LEU A 36 -9.10 -0.96 8.65
C LEU A 36 -8.19 -2.15 8.98
N LEU A 37 -7.17 -1.88 9.81
CA LEU A 37 -6.24 -2.94 10.23
C LEU A 37 -6.87 -3.97 11.19
N ASP A 38 -7.84 -3.54 12.00
CA ASP A 38 -8.59 -4.48 12.79
C ASP A 38 -9.41 -5.45 11.94
N ILE A 39 -10.10 -4.89 10.95
CA ILE A 39 -10.90 -5.69 10.01
C ILE A 39 -10.01 -6.67 9.25
N SER A 40 -8.86 -6.21 8.79
CA SER A 40 -7.90 -7.04 8.03
C SER A 40 -7.48 -8.26 8.82
N LYS A 41 -7.12 -8.01 10.07
CA LYS A 41 -6.70 -9.05 10.95
C LYS A 41 -7.84 -10.05 11.21
N GLN A 42 -9.03 -9.53 11.44
CA GLN A 42 -10.17 -10.37 11.64
C GLN A 42 -10.53 -11.18 10.38
N VAL A 43 -10.44 -10.59 9.19
CA VAL A 43 -10.78 -11.35 7.97
C VAL A 43 -9.72 -12.41 7.65
N LYS A 44 -8.47 -12.13 8.03
CA LYS A 44 -7.41 -13.15 7.88
C LYS A 44 -7.70 -14.39 8.74
N MET A 45 -8.11 -14.19 9.98
CA MET A 45 -8.50 -15.28 10.85
C MET A 45 -9.72 -16.09 10.38
N GLU A 46 -10.72 -15.44 9.86
CA GLU A 46 -11.88 -16.12 9.31
C GLU A 46 -11.50 -16.98 8.09
N ASN A 47 -10.64 -16.43 7.25
CA ASN A 47 -10.13 -17.10 6.04
C ASN A 47 -9.32 -18.31 6.45
N ARG A 48 -8.39 -18.14 7.38
CA ARG A 48 -7.57 -19.31 7.77
C ARG A 48 -8.36 -20.39 8.47
N SER A 49 -9.39 -19.97 9.21
CA SER A 49 -10.24 -20.90 9.96
C SER A 49 -11.36 -21.50 9.13
N LYS A 50 -11.48 -21.03 7.90
CA LYS A 50 -12.50 -21.52 6.97
C LYS A 50 -13.90 -21.25 7.48
N LEU A 51 -14.09 -20.07 8.05
CA LEU A 51 -15.39 -19.52 8.37
C LEU A 51 -15.82 -18.76 7.17
N ARG A 52 -16.76 -19.30 6.42
CA ARG A 52 -17.13 -18.67 5.16
C ARG A 52 -18.35 -17.75 5.31
N THR A 53 -18.23 -16.61 4.66
CA THR A 53 -19.23 -15.60 4.72
C THR A 53 -19.51 -15.15 3.30
N GLU A 54 -20.59 -14.39 3.17
CA GLU A 54 -21.13 -13.91 1.89
C GLU A 54 -21.37 -12.41 1.92
N ARG A 55 -20.42 -11.67 2.43
CA ARG A 55 -20.64 -10.24 2.68
C ARG A 55 -20.96 -9.40 1.43
N PHE A 56 -20.49 -9.82 0.24
CA PHE A 56 -20.72 -9.04 -0.98
C PHE A 56 -21.68 -9.69 -1.96
N LYS A 57 -22.51 -10.64 -1.49
CA LYS A 57 -23.44 -11.35 -2.33
C LYS A 57 -24.31 -10.36 -3.13
N GLY A 58 -24.40 -10.60 -4.42
CA GLY A 58 -25.13 -9.73 -5.33
C GLY A 58 -24.44 -8.47 -5.84
N MET A 59 -23.23 -8.20 -5.38
CA MET A 59 -22.55 -6.94 -5.72
C MET A 59 -21.54 -7.19 -6.83
N THR A 60 -21.08 -6.11 -7.45
CA THR A 60 -20.19 -6.17 -8.61
C THR A 60 -19.15 -5.09 -8.47
N LEU A 61 -17.93 -5.44 -8.91
CA LEU A 61 -16.76 -4.59 -8.84
C LEU A 61 -16.13 -4.54 -10.26
N ALA A 62 -16.03 -3.35 -10.84
CA ALA A 62 -15.33 -3.21 -12.12
C ALA A 62 -13.86 -2.90 -11.80
N MET A 63 -12.94 -3.71 -12.34
CA MET A 63 -11.50 -3.57 -12.14
C MET A 63 -10.88 -3.13 -13.47
N ILE A 64 -10.44 -1.88 -13.52
CA ILE A 64 -9.82 -1.31 -14.71
C ILE A 64 -8.32 -1.30 -14.53
N PHE A 65 -7.63 -2.07 -15.36
CA PHE A 65 -6.18 -2.15 -15.36
C PHE A 65 -5.68 -1.51 -16.62
N GLU A 66 -5.15 -0.31 -16.45
CA GLU A 66 -4.44 0.41 -17.48
C GLU A 66 -3.02 -0.26 -17.57
N LYS A 67 -2.47 -0.66 -16.41
CA LYS A 67 -1.26 -1.50 -16.31
C LYS A 67 -1.68 -2.81 -15.64
N ARG A 68 -1.30 -3.95 -16.20
CA ARG A 68 -1.68 -5.25 -15.65
C ARG A 68 -0.81 -5.58 -14.40
N SER A 69 -1.43 -6.19 -13.39
CA SER A 69 -0.74 -6.74 -12.23
C SER A 69 -1.52 -7.93 -11.70
N THR A 70 -0.84 -9.08 -11.61
CA THR A 70 -1.45 -10.34 -11.23
C THR A 70 -1.68 -10.35 -9.73
N ARG A 71 -0.75 -9.79 -8.95
CA ARG A 71 -0.95 -9.75 -7.52
C ARG A 71 -2.12 -8.87 -7.10
N THR A 72 -2.26 -7.72 -7.75
CA THR A 72 -3.31 -6.78 -7.35
C THR A 72 -4.63 -7.33 -7.85
N ARG A 73 -4.62 -7.84 -9.09
CA ARG A 73 -5.79 -8.51 -9.60
C ARG A 73 -6.23 -9.67 -8.70
N LEU A 74 -5.30 -10.56 -8.35
CA LEU A 74 -5.66 -11.70 -7.54
C LEU A 74 -6.22 -11.27 -6.22
N ALA A 75 -5.62 -10.25 -5.61
CA ALA A 75 -6.08 -9.81 -4.32
C ALA A 75 -7.49 -9.26 -4.35
N PHE A 76 -7.78 -8.36 -5.31
CA PHE A 76 -9.12 -7.83 -5.45
C PHE A 76 -10.10 -8.94 -5.81
N GLU A 77 -9.71 -9.79 -6.73
CA GLU A 77 -10.65 -10.71 -7.29
C GLU A 77 -11.02 -11.83 -6.28
N THR A 78 -10.04 -12.39 -5.58
CA THR A 78 -10.31 -13.35 -4.48
C THR A 78 -11.04 -12.74 -3.27
N ALA A 79 -10.65 -11.52 -2.89
CA ALA A 79 -11.29 -10.81 -1.78
C ALA A 79 -12.80 -10.63 -2.03
N PHE A 80 -13.15 -10.14 -3.22
CA PHE A 80 -14.52 -9.87 -3.57
C PHE A 80 -15.31 -11.16 -3.74
N ALA A 81 -14.72 -12.17 -4.35
CA ALA A 81 -15.51 -13.32 -4.78
C ALA A 81 -15.67 -14.40 -3.71
N GLU A 82 -14.74 -14.42 -2.76
CA GLU A 82 -14.86 -15.27 -1.59
C GLU A 82 -16.09 -14.90 -0.80
N GLU A 83 -16.43 -13.63 -0.80
CA GLU A 83 -17.65 -13.09 -0.16
C GLU A 83 -18.89 -13.02 -1.04
N GLY A 84 -18.87 -13.70 -2.20
CA GLY A 84 -20.02 -13.76 -3.09
C GLY A 84 -20.21 -12.60 -4.06
N GLY A 85 -19.28 -11.66 -4.08
CA GLY A 85 -19.28 -10.60 -5.08
C GLY A 85 -18.76 -11.07 -6.46
N HIS A 86 -19.14 -10.33 -7.49
CA HIS A 86 -18.65 -10.60 -8.81
C HIS A 86 -17.69 -9.52 -9.32
N PRO A 87 -16.39 -9.87 -9.51
CA PRO A 87 -15.40 -8.97 -10.04
C PRO A 87 -15.30 -9.07 -11.57
N ILE A 88 -15.12 -7.94 -12.24
CA ILE A 88 -15.08 -7.87 -13.71
C ILE A 88 -13.74 -7.30 -14.13
N PHE A 89 -12.92 -8.11 -14.78
CA PHE A 89 -11.59 -7.75 -15.20
C PHE A 89 -11.64 -7.06 -16.55
N LEU A 90 -11.31 -5.76 -16.52
CA LEU A 90 -11.20 -4.94 -17.74
C LEU A 90 -9.72 -4.66 -17.98
N SER A 91 -9.16 -5.28 -19.01
CA SER A 91 -7.72 -5.19 -19.28
C SER A 91 -7.39 -3.98 -20.16
N PRO A 92 -6.09 -3.68 -20.39
CA PRO A 92 -5.74 -2.68 -21.40
C PRO A 92 -6.33 -2.95 -22.78
N ASN A 93 -6.52 -4.21 -23.14
CA ASN A 93 -7.20 -4.54 -24.42
C ASN A 93 -8.69 -4.26 -24.43
N ASP A 94 -9.30 -4.32 -23.24
CA ASP A 94 -10.72 -4.05 -23.11
C ASP A 94 -10.96 -2.56 -23.18
N ILE A 95 -10.07 -1.82 -22.54
CA ILE A 95 -10.36 -0.46 -22.20
C ILE A 95 -9.13 0.43 -22.36
N HIS A 96 -9.27 1.40 -23.26
CA HIS A 96 -8.32 2.50 -23.43
C HIS A 96 -9.02 3.79 -22.99
N LEU A 97 -8.82 4.20 -21.72
CA LEU A 97 -9.69 5.23 -21.07
C LEU A 97 -9.77 6.62 -21.72
N GLY A 98 -8.67 7.12 -22.27
CA GLY A 98 -8.77 8.34 -23.08
C GLY A 98 -9.35 8.15 -24.48
N ALA A 99 -9.39 6.92 -24.99
CA ALA A 99 -9.37 6.65 -26.45
C ALA A 99 -10.69 6.77 -27.26
N LYS A 100 -11.65 5.88 -26.98
CA LYS A 100 -12.95 5.88 -27.69
C LYS A 100 -13.96 6.84 -27.06
N GLU A 101 -13.69 7.23 -25.81
CA GLU A 101 -14.63 7.95 -24.97
C GLU A 101 -13.85 8.76 -23.96
N SER A 102 -14.42 9.88 -23.57
CA SER A 102 -13.87 10.59 -22.44
C SER A 102 -13.98 9.68 -21.21
N LEU A 103 -13.05 9.85 -20.30
CA LEU A 103 -13.10 9.23 -18.98
C LEU A 103 -14.42 9.53 -18.26
N GLU A 104 -14.93 10.76 -18.38
CA GLU A 104 -16.20 11.15 -17.75
C GLU A 104 -17.40 10.36 -18.26
N ASP A 105 -17.48 10.15 -19.58
CA ASP A 105 -18.52 9.28 -20.15
C ASP A 105 -18.49 7.87 -19.52
N THR A 106 -17.29 7.31 -19.40
CA THR A 106 -17.13 5.93 -18.90
C THR A 106 -17.45 5.79 -17.42
N ALA A 107 -17.01 6.78 -16.66
CA ALA A 107 -17.30 6.85 -15.25
C ALA A 107 -18.81 7.00 -14.97
N ARG A 108 -19.52 7.80 -15.77
CA ARG A 108 -20.94 7.99 -15.52
C ARG A 108 -21.72 6.69 -15.77
N VAL A 109 -21.26 5.91 -16.74
CA VAL A 109 -21.88 4.64 -17.06
C VAL A 109 -21.60 3.60 -16.00
N LEU A 110 -20.34 3.52 -15.62
CA LEU A 110 -19.94 2.62 -14.56
C LEU A 110 -20.76 2.87 -13.31
N GLY A 111 -20.91 4.14 -12.96
CA GLY A 111 -21.73 4.56 -11.82
C GLY A 111 -23.15 4.03 -11.79
N ARG A 112 -23.73 3.78 -12.97
CA ARG A 112 -25.09 3.26 -13.04
C ARG A 112 -25.10 1.74 -13.11
N MET A 113 -23.94 1.09 -13.17
CA MET A 113 -23.92 -0.35 -13.37
C MET A 113 -23.30 -1.18 -12.27
N VAL A 114 -22.34 -0.66 -11.51
CA VAL A 114 -21.62 -1.47 -10.53
C VAL A 114 -21.62 -0.80 -9.18
N ASP A 115 -21.23 -1.56 -8.17
CA ASP A 115 -21.17 -1.09 -6.80
C ASP A 115 -19.87 -0.36 -6.42
N ALA A 116 -18.82 -0.60 -7.17
CA ALA A 116 -17.47 -0.17 -6.81
C ALA A 116 -16.52 -0.33 -7.99
N ILE A 117 -15.51 0.54 -8.05
CA ILE A 117 -14.52 0.51 -9.13
C ILE A 117 -13.11 0.46 -8.52
N MET A 118 -12.29 -0.44 -9.05
CA MET A 118 -10.89 -0.47 -8.77
C MET A 118 -10.15 0.05 -10.02
N PHE A 119 -9.16 0.91 -9.82
CA PHE A 119 -8.30 1.39 -10.89
C PHE A 119 -6.81 1.23 -10.58
N ARG A 120 -6.10 0.71 -11.57
CA ARG A 120 -4.64 0.67 -11.58
C ARG A 120 -4.13 1.23 -12.90
N GLY A 121 -3.26 2.24 -12.81
CA GLY A 121 -2.78 2.96 -13.96
C GLY A 121 -1.76 4.07 -13.70
N TYR A 122 -1.83 5.14 -14.49
CA TYR A 122 -0.80 6.16 -14.48
C TYR A 122 -1.22 7.33 -13.61
N LYS A 123 -2.23 8.09 -14.05
CA LYS A 123 -2.49 9.38 -13.44
C LYS A 123 -3.40 9.27 -12.24
N GLN A 124 -3.01 9.95 -11.16
CA GLN A 124 -3.83 10.04 -9.96
C GLN A 124 -5.13 10.78 -10.27
N GLU A 125 -5.04 11.75 -11.17
CA GLU A 125 -6.22 12.48 -11.66
C GLU A 125 -7.29 11.54 -12.21
N THR A 126 -6.89 10.49 -12.92
CA THR A 126 -7.80 9.48 -13.46
C THR A 126 -8.64 8.84 -12.34
N VAL A 127 -8.00 8.46 -11.23
CA VAL A 127 -8.75 7.85 -10.15
C VAL A 127 -9.73 8.85 -9.46
N GLU A 128 -9.33 10.11 -9.36
CA GLU A 128 -10.16 11.17 -8.78
C GLU A 128 -11.46 11.42 -9.57
N LYS A 129 -11.33 11.44 -10.90
CA LYS A 129 -12.44 11.69 -11.78
C LYS A 129 -13.34 10.49 -11.88
N LEU A 130 -12.78 9.30 -11.72
CA LEU A 130 -13.60 8.10 -11.60
C LEU A 130 -14.51 8.25 -10.41
N ALA A 131 -13.92 8.56 -9.27
CA ALA A 131 -14.65 8.76 -8.02
C ALA A 131 -15.71 9.85 -8.22
N GLU A 132 -15.27 10.99 -8.74
CA GLU A 132 -16.17 12.13 -8.94
C GLU A 132 -17.36 11.87 -9.84
N TYR A 133 -17.10 11.22 -10.97
CA TYR A 133 -18.14 11.07 -11.98
C TYR A 133 -18.97 9.77 -11.83
N SER A 134 -18.43 8.77 -11.15
CA SER A 134 -19.21 7.53 -10.95
C SER A 134 -20.10 7.63 -9.74
N GLY A 135 -19.59 8.23 -8.68
CA GLY A 135 -20.37 8.41 -7.47
C GLY A 135 -20.43 7.17 -6.60
N VAL A 136 -19.58 6.19 -6.89
CA VAL A 136 -19.42 4.95 -6.10
C VAL A 136 -18.00 4.90 -5.60
N PRO A 137 -17.75 4.10 -4.56
CA PRO A 137 -16.38 3.90 -4.06
C PRO A 137 -15.37 3.44 -5.12
N VAL A 138 -14.26 4.15 -5.18
CA VAL A 138 -13.17 3.87 -6.11
C VAL A 138 -11.91 3.54 -5.31
N TYR A 139 -11.21 2.51 -5.74
CA TYR A 139 -10.00 2.01 -5.05
C TYR A 139 -8.81 2.11 -5.96
N ASN A 140 -7.81 2.81 -5.46
CA ASN A 140 -6.57 2.99 -6.15
C ASN A 140 -5.76 1.73 -5.94
N GLY A 141 -5.62 0.96 -7.00
CA GLY A 141 -4.82 -0.27 -6.95
C GLY A 141 -3.40 -0.10 -7.46
N LEU A 142 -3.04 1.17 -7.61
CA LEU A 142 -1.70 1.70 -7.88
C LEU A 142 -1.83 2.73 -9.00
N THR A 143 -1.25 3.90 -8.74
CA THR A 143 -0.98 4.93 -9.74
C THR A 143 0.51 5.24 -9.65
N ASP A 144 1.02 6.05 -10.55
CA ASP A 144 2.44 6.30 -10.38
C ASP A 144 2.72 7.28 -9.20
N GLU A 145 1.68 7.88 -8.60
CA GLU A 145 1.81 8.57 -7.30
C GLU A 145 1.71 7.73 -5.99
N PHE A 146 0.72 6.85 -5.86
CA PHE A 146 0.45 6.16 -4.61
C PHE A 146 0.04 4.70 -4.83
N HIS A 147 0.32 3.88 -3.83
CA HIS A 147 -0.10 2.47 -3.80
C HIS A 147 -0.65 2.18 -2.38
N PRO A 148 -1.79 2.79 -2.04
CA PRO A 148 -2.28 2.72 -0.67
C PRO A 148 -2.58 1.32 -0.16
N THR A 149 -3.03 0.39 -1.02
CA THR A 149 -3.37 -0.96 -0.57
C THR A 149 -2.11 -1.74 -0.17
N GLN A 150 -0.99 -1.49 -0.87
CA GLN A 150 0.27 -2.09 -0.50
C GLN A 150 0.72 -1.64 0.90
N ALA A 151 0.57 -0.35 1.19
CA ALA A 151 0.98 0.19 2.48
C ALA A 151 0.20 -0.41 3.64
N LEU A 152 -1.11 -0.62 3.45
CA LEU A 152 -1.93 -1.24 4.48
C LEU A 152 -1.47 -2.65 4.75
N ALA A 153 -1.15 -3.40 3.70
CA ALA A 153 -0.62 -4.78 3.83
C ALA A 153 0.74 -4.83 4.55
N ASP A 154 1.56 -3.83 4.30
CA ASP A 154 2.86 -3.69 4.93
C ASP A 154 2.71 -3.41 6.42
N LEU A 155 1.86 -2.45 6.75
CA LEU A 155 1.51 -2.21 8.14
C LEU A 155 1.02 -3.48 8.87
N MET A 156 0.12 -4.21 8.21
CA MET A 156 -0.47 -5.39 8.79
C MET A 156 0.65 -6.35 9.10
N THR A 157 1.55 -6.53 8.13
CA THR A 157 2.66 -7.49 8.26
C THR A 157 3.61 -7.11 9.42
N ILE A 158 4.00 -5.83 9.46
CA ILE A 158 4.87 -5.34 10.51
C ILE A 158 4.23 -5.57 11.89
N GLU A 159 2.96 -5.19 12.04
CA GLU A 159 2.25 -5.40 13.32
C GLU A 159 2.18 -6.88 13.73
N GLU A 160 1.96 -7.77 12.76
CA GLU A 160 2.01 -9.23 13.01
C GLU A 160 3.35 -9.67 13.56
N ASN A 161 4.41 -8.98 13.17
CA ASN A 161 5.76 -9.40 13.53
C ASN A 161 6.24 -8.83 14.88
N PHE A 162 5.84 -7.60 15.20
CA PHE A 162 6.29 -6.95 16.41
C PHE A 162 5.19 -6.70 17.46
N GLY A 163 3.95 -6.98 17.10
CA GLY A 163 2.84 -6.88 18.04
C GLY A 163 2.44 -5.45 18.35
N ARG A 164 3.04 -4.50 17.63
CA ARG A 164 2.82 -3.09 17.84
C ARG A 164 3.27 -2.34 16.58
N LEU A 165 2.91 -1.07 16.47
CA LEU A 165 3.42 -0.24 15.40
C LEU A 165 4.10 1.04 15.92
N LYS A 166 3.58 1.61 17.00
CA LYS A 166 3.97 2.96 17.42
C LYS A 166 5.48 3.07 17.64
N GLY A 167 6.15 2.04 18.11
CA GLY A 167 7.61 2.23 18.29
C GLY A 167 8.47 2.22 17.03
N VAL A 168 7.98 1.51 16.03
CA VAL A 168 8.82 0.71 15.15
C VAL A 168 9.58 1.48 14.09
N LYS A 169 10.85 1.13 13.91
CA LYS A 169 11.72 1.82 12.94
C LYS A 169 11.77 1.06 11.63
N VAL A 170 11.34 1.74 10.55
CA VAL A 170 11.22 1.20 9.21
C VAL A 170 12.18 1.98 8.31
N VAL A 171 13.04 1.27 7.59
CA VAL A 171 13.93 1.93 6.63
C VAL A 171 13.54 1.47 5.24
N PHE A 172 13.16 2.43 4.36
CA PHE A 172 13.05 2.13 2.91
C PHE A 172 14.34 2.50 2.15
N MET A 173 14.87 1.52 1.42
CA MET A 173 16.13 1.62 0.66
C MET A 173 15.91 1.77 -0.86
N GLY A 174 16.48 2.84 -1.43
CA GLY A 174 16.61 3.05 -2.87
C GLY A 174 15.83 4.21 -3.47
N ASP A 175 14.85 3.87 -4.34
CA ASP A 175 13.97 4.83 -5.01
C ASP A 175 12.88 5.28 -4.03
N THR A 176 13.23 6.31 -3.31
CA THR A 176 12.55 6.70 -2.11
C THR A 176 11.35 7.60 -2.41
N ARG A 177 11.19 7.95 -3.68
CA ARG A 177 10.09 8.79 -4.14
C ARG A 177 9.07 8.02 -4.99
N ASN A 178 9.27 6.72 -5.26
CA ASN A 178 8.31 5.97 -6.05
C ASN A 178 6.99 5.80 -5.29
N ASN A 179 5.96 5.30 -5.98
CA ASN A 179 4.62 5.15 -5.42
C ASN A 179 4.58 4.37 -4.09
N VAL A 180 5.35 3.29 -4.03
CA VAL A 180 5.36 2.39 -2.90
C VAL A 180 6.07 3.00 -1.71
N ALA A 181 7.18 3.68 -1.97
CA ALA A 181 7.92 4.38 -0.90
C ALA A 181 7.09 5.53 -0.29
N THR A 182 6.34 6.22 -1.14
CA THR A 182 5.56 7.36 -0.74
C THR A 182 4.41 6.92 0.20
N SER A 183 3.67 5.88 -0.22
CA SER A 183 2.55 5.37 0.53
C SER A 183 3.00 4.78 1.86
N LEU A 184 4.17 4.13 1.85
CA LEU A 184 4.75 3.55 3.06
C LEU A 184 5.11 4.61 4.10
N MET A 185 5.74 5.71 3.65
CA MET A 185 6.05 6.84 4.50
C MET A 185 4.82 7.42 5.18
N ILE A 186 3.76 7.59 4.41
CA ILE A 186 2.50 8.12 4.93
C ILE A 186 1.90 7.18 5.98
N ALA A 187 1.86 5.88 5.66
CA ALA A 187 1.30 4.89 6.55
C ALA A 187 2.04 4.87 7.87
N CYS A 188 3.36 4.91 7.79
CA CYS A 188 4.21 4.95 8.98
C CYS A 188 3.97 6.18 9.83
N ALA A 189 3.98 7.35 9.21
CA ALA A 189 3.70 8.62 9.87
C ALA A 189 2.36 8.56 10.61
N LYS A 190 1.35 7.98 9.97
CA LYS A 190 -0.03 7.95 10.53
C LYS A 190 -0.08 7.07 11.79
N MET A 191 0.71 6.00 11.77
CA MET A 191 0.71 4.98 12.83
C MET A 191 1.78 5.19 13.92
N GLY A 192 2.41 6.37 13.90
CA GLY A 192 3.36 6.78 14.91
C GLY A 192 4.68 6.04 14.79
N MET A 193 5.06 5.68 13.57
CA MET A 193 6.28 4.88 13.36
C MET A 193 7.46 5.77 13.02
N ASN A 194 8.65 5.23 13.21
CA ASN A 194 9.88 5.92 12.82
C ASN A 194 10.37 5.45 11.46
N PHE A 195 10.06 6.26 10.44
CA PHE A 195 10.36 5.93 9.06
C PHE A 195 11.61 6.73 8.61
N VAL A 196 12.57 6.02 8.02
CA VAL A 196 13.73 6.62 7.37
C VAL A 196 13.76 6.21 5.90
N ALA A 197 13.86 7.22 5.06
CA ALA A 197 14.08 7.06 3.63
C ALA A 197 15.58 7.08 3.33
N CYS A 198 16.11 6.02 2.72
CA CYS A 198 17.56 5.94 2.46
C CYS A 198 17.83 5.61 1.00
N GLY A 199 18.35 6.59 0.27
CA GLY A 199 18.70 6.41 -1.13
C GLY A 199 19.43 7.63 -1.67
N PRO A 200 19.62 7.69 -3.00
CA PRO A 200 20.37 8.86 -3.52
C PRO A 200 19.54 10.14 -3.45
N GLU A 201 20.23 11.27 -3.28
CA GLU A 201 19.60 12.55 -3.10
C GLU A 201 18.67 12.87 -4.33
N GLU A 202 19.11 12.44 -5.53
CA GLU A 202 18.28 12.59 -6.75
C GLU A 202 16.91 11.97 -6.60
N LEU A 203 16.81 10.93 -5.76
CA LEU A 203 15.58 10.21 -5.55
C LEU A 203 15.07 10.33 -4.10
N LYS A 204 15.26 11.50 -3.50
CA LYS A 204 14.76 11.73 -2.14
C LYS A 204 13.23 11.81 -2.15
N PRO A 205 12.59 11.61 -0.99
CA PRO A 205 11.13 11.71 -0.98
C PRO A 205 10.54 12.97 -1.64
N ARG A 206 9.38 12.83 -2.28
CA ARG A 206 8.60 13.98 -2.71
C ARG A 206 8.52 14.93 -1.52
N SER A 207 8.79 16.21 -1.76
CA SER A 207 8.90 17.18 -0.66
C SER A 207 7.54 17.63 -0.11
N ASP A 208 6.55 17.81 -0.97
CA ASP A 208 5.19 18.11 -0.51
C ASP A 208 4.60 16.98 0.38
N VAL A 209 4.87 15.71 0.04
CA VAL A 209 4.39 14.61 0.86
C VAL A 209 5.19 14.50 2.17
N PHE A 210 6.50 14.64 2.07
CA PHE A 210 7.39 14.70 3.26
C PHE A 210 6.97 15.73 4.32
N LYS A 211 6.59 16.92 3.86
CA LYS A 211 6.19 18.02 4.76
C LYS A 211 4.83 17.73 5.39
N ARG A 212 3.96 17.09 4.63
CA ARG A 212 2.67 16.71 5.16
C ARG A 212 2.80 15.62 6.25
N CYS A 213 3.76 14.72 6.04
CA CYS A 213 4.13 13.72 7.04
C CYS A 213 4.80 14.31 8.30
N GLN A 214 5.52 15.42 8.15
CA GLN A 214 6.07 16.08 9.32
C GLN A 214 4.96 16.67 10.19
N GLU A 215 3.87 17.12 9.56
CA GLU A 215 2.69 17.54 10.30
C GLU A 215 1.97 16.31 10.90
N ILE A 216 1.75 15.26 10.12
CA ILE A 216 1.18 14.02 10.68
C ILE A 216 1.83 13.65 12.02
N VAL A 217 3.16 13.50 12.01
CA VAL A 217 3.86 12.95 13.18
C VAL A 217 3.86 13.83 14.42
N LYS A 218 3.60 15.13 14.26
CA LYS A 218 3.47 16.02 15.43
C LYS A 218 2.32 15.55 16.31
N GLU A 219 1.26 15.03 15.71
CA GLU A 219 0.19 14.43 16.49
C GLU A 219 0.46 12.95 16.82
N THR A 220 1.19 12.23 15.98
CA THR A 220 1.32 10.77 16.18
C THR A 220 2.58 10.33 16.95
N ASP A 221 3.51 11.27 17.21
CA ASP A 221 4.82 10.96 17.83
C ASP A 221 5.67 10.02 17.01
N GLY A 222 5.39 9.92 15.71
CA GLY A 222 6.28 9.23 14.78
C GLY A 222 7.42 10.16 14.38
N SER A 223 8.25 9.69 13.46
CA SER A 223 9.29 10.49 12.82
C SER A 223 9.41 10.07 11.36
N VAL A 224 9.80 11.01 10.52
CA VAL A 224 10.04 10.77 9.12
C VAL A 224 11.38 11.49 8.78
N SER A 225 12.23 10.83 8.00
CA SER A 225 13.60 11.31 7.76
C SER A 225 14.14 10.86 6.42
N PHE A 226 15.17 11.53 5.92
CA PHE A 226 15.91 11.07 4.76
C PHE A 226 17.41 11.17 4.99
N THR A 227 18.16 10.19 4.50
CA THR A 227 19.63 10.28 4.41
C THR A 227 20.13 9.40 3.27
N SER A 228 21.23 9.84 2.65
CA SER A 228 21.97 9.06 1.66
C SER A 228 23.03 8.18 2.32
N ASN A 229 23.19 8.34 3.63
CA ASN A 229 24.13 7.55 4.40
C ASN A 229 23.51 6.29 4.95
N LEU A 230 23.98 5.14 4.50
CA LEU A 230 23.44 3.82 4.92
C LEU A 230 23.55 3.54 6.40
N GLU A 231 24.73 3.86 6.95
CA GLU A 231 25.10 3.45 8.29
C GLU A 231 24.14 4.08 9.30
N GLU A 232 23.87 5.37 9.14
CA GLU A 232 23.02 6.08 10.09
C GLU A 232 21.53 5.79 9.90
N ALA A 233 21.14 5.47 8.68
CA ALA A 233 19.77 5.04 8.41
C ALA A 233 19.41 3.74 9.13
N LEU A 234 20.33 2.78 9.11
CA LEU A 234 19.99 1.38 9.37
C LEU A 234 20.12 0.97 10.81
N ALA A 235 21.01 1.62 11.56
CA ALA A 235 21.19 1.29 12.95
C ALA A 235 19.86 1.21 13.68
N GLY A 236 19.57 0.04 14.26
CA GLY A 236 18.33 -0.20 15.00
C GLY A 236 17.04 -0.30 14.19
N ALA A 237 17.14 -0.41 12.87
CA ALA A 237 15.96 -0.70 12.03
C ALA A 237 15.30 -2.02 12.43
N ASP A 238 13.98 -1.99 12.62
CA ASP A 238 13.21 -3.21 12.85
C ASP A 238 12.74 -3.77 11.51
N VAL A 239 12.59 -2.89 10.52
CA VAL A 239 12.21 -3.29 9.17
C VAL A 239 13.12 -2.68 8.14
N VAL A 240 13.68 -3.50 7.26
CA VAL A 240 14.32 -3.00 6.01
C VAL A 240 13.41 -3.35 4.82
N TYR A 241 13.07 -2.33 4.06
CA TYR A 241 12.15 -2.47 2.94
C TYR A 241 12.82 -1.98 1.68
N THR A 242 12.52 -2.62 0.55
CA THR A 242 12.95 -2.11 -0.75
C THR A 242 11.96 -2.45 -1.87
N ASP A 243 12.22 -1.89 -3.05
CA ASP A 243 11.42 -2.10 -4.27
C ASP A 243 12.38 -2.03 -5.46
N VAL A 244 11.91 -2.40 -6.63
CA VAL A 244 12.68 -2.33 -7.85
C VAL A 244 13.19 -0.94 -8.19
N TRP A 245 14.26 -0.93 -8.98
CA TRP A 245 14.97 0.31 -9.34
C TRP A 245 14.41 1.06 -10.55
N ALA A 246 13.91 0.33 -11.55
CA ALA A 246 13.39 0.98 -12.76
C ALA A 246 11.95 1.45 -12.55
N ARG A 257 19.22 6.80 -12.64
CA ARG A 257 20.06 5.74 -13.15
C ARG A 257 20.28 4.68 -12.05
N MET A 258 20.28 3.43 -12.49
CA MET A 258 20.92 2.28 -11.83
C MET A 258 22.20 2.58 -11.03
N ALA A 259 23.05 3.47 -11.55
CA ALA A 259 24.34 3.81 -10.94
C ALA A 259 24.23 4.56 -9.61
N LEU A 260 23.27 5.49 -9.54
CA LEU A 260 22.91 6.11 -8.26
C LEU A 260 22.31 5.11 -7.25
N LEU A 261 21.57 4.11 -7.73
CA LEU A 261 20.84 3.16 -6.85
C LEU A 261 21.63 1.93 -6.42
N LYS A 262 22.58 1.49 -7.25
CA LYS A 262 23.43 0.31 -7.00
C LYS A 262 23.93 0.18 -5.54
N PRO A 263 24.42 1.27 -4.92
CA PRO A 263 24.87 1.19 -3.53
C PRO A 263 23.81 0.84 -2.51
N TYR A 264 22.53 0.95 -2.86
CA TYR A 264 21.46 0.83 -1.89
C TYR A 264 20.77 -0.52 -1.99
N GLN A 265 21.45 -1.46 -2.67
CA GLN A 265 21.05 -2.85 -2.68
C GLN A 265 20.93 -3.41 -1.28
N VAL A 266 19.84 -4.11 -1.02
CA VAL A 266 19.72 -4.81 0.25
C VAL A 266 20.42 -6.19 0.13
N ASN A 267 21.55 -6.30 0.79
CA ASN A 267 22.26 -7.56 0.86
C ASN A 267 22.50 -7.93 2.32
N GLU A 268 23.22 -9.05 2.55
CA GLU A 268 23.52 -9.50 3.91
C GLU A 268 24.25 -8.41 4.72
N ARG A 269 25.29 -7.81 4.13
CA ARG A 269 26.04 -6.70 4.77
C ARG A 269 25.04 -5.65 5.30
N VAL A 270 24.10 -5.24 4.47
CA VAL A 270 23.15 -4.18 4.82
C VAL A 270 22.26 -4.59 5.98
N MET A 271 21.67 -5.78 5.90
CA MET A 271 20.85 -6.30 6.99
C MET A 271 21.60 -6.30 8.35
N GLU A 272 22.87 -6.70 8.33
CA GLU A 272 23.72 -6.72 9.55
C GLU A 272 23.95 -5.32 10.15
N MET A 273 23.80 -4.28 9.34
CA MET A 273 24.00 -2.91 9.81
C MET A 273 22.91 -2.45 10.76
N THR A 274 21.84 -3.23 10.88
CA THR A 274 20.84 -3.01 11.89
C THR A 274 21.33 -3.13 13.32
N GLY A 275 22.18 -4.12 13.58
CA GLY A 275 22.62 -4.44 14.94
C GLY A 275 21.57 -5.24 15.71
N LYS A 276 20.50 -5.65 15.02
CA LYS A 276 19.39 -6.41 15.63
C LYS A 276 19.13 -7.65 14.79
N SER A 277 19.11 -8.79 15.45
CA SER A 277 18.75 -10.04 14.78
C SER A 277 17.26 -10.12 14.42
N GLU A 278 16.40 -9.42 15.17
CA GLU A 278 14.91 -9.43 14.98
C GLU A 278 14.44 -8.66 13.74
N THR A 279 15.33 -7.92 13.10
CA THR A 279 15.01 -7.16 11.89
C THR A 279 14.36 -8.06 10.84
N ILE A 280 13.28 -7.58 10.22
CA ILE A 280 12.72 -8.24 9.07
C ILE A 280 12.98 -7.53 7.73
N PHE A 281 12.93 -8.32 6.67
CA PHE A 281 12.99 -7.80 5.31
C PHE A 281 11.63 -7.88 4.62
N MET A 282 11.28 -6.76 3.98
CA MET A 282 10.07 -6.63 3.22
C MET A 282 10.32 -6.03 1.82
N HIS A 283 9.43 -6.37 0.91
CA HIS A 283 9.49 -5.98 -0.52
C HIS A 283 8.07 -6.12 -1.00
N CYS A 284 7.45 -5.05 -1.49
CA CYS A 284 6.21 -5.24 -2.24
C CYS A 284 6.73 -6.15 -3.36
N LEU A 285 5.96 -6.93 -4.06
CA LEU A 285 6.73 -7.67 -5.09
C LEU A 285 6.26 -7.04 -6.42
N PRO A 286 6.74 -7.53 -7.56
CA PRO A 286 7.84 -8.45 -7.82
C PRO A 286 9.20 -7.80 -7.61
N ALA A 287 10.18 -8.67 -7.38
CA ALA A 287 11.56 -8.27 -7.15
C ALA A 287 12.41 -8.67 -8.34
N VAL A 288 13.46 -7.88 -8.59
CA VAL A 288 14.53 -8.28 -9.49
C VAL A 288 15.70 -8.75 -8.62
N LYS A 289 15.71 -10.04 -8.29
CA LYS A 289 16.69 -10.58 -7.37
C LYS A 289 18.10 -10.50 -7.99
N GLY A 290 19.04 -9.95 -7.21
CA GLY A 290 20.39 -9.65 -7.67
C GLY A 290 20.58 -8.15 -7.81
N GLN A 291 19.49 -7.39 -7.98
CA GLN A 291 19.54 -5.93 -8.10
C GLN A 291 19.24 -5.32 -6.74
N GLU A 292 18.00 -4.88 -6.51
CA GLU A 292 17.67 -4.14 -5.30
C GLU A 292 17.76 -4.99 -4.04
N VAL A 293 17.65 -6.31 -4.18
CA VAL A 293 17.85 -7.23 -3.05
C VAL A 293 18.54 -8.47 -3.56
N THR A 294 19.41 -9.05 -2.73
CA THR A 294 20.05 -10.31 -3.09
C THR A 294 19.12 -11.52 -2.85
N TYR A 295 19.39 -12.60 -3.60
CA TYR A 295 18.68 -13.86 -3.43
C TYR A 295 18.72 -14.32 -1.99
N GLU A 296 19.94 -14.28 -1.44
CA GLU A 296 20.20 -14.74 -0.10
C GLU A 296 19.31 -14.08 0.98
N VAL A 297 19.04 -12.79 0.84
CA VAL A 297 18.24 -12.05 1.79
C VAL A 297 16.74 -12.36 1.63
N ILE A 298 16.23 -12.24 0.39
CA ILE A 298 14.81 -12.35 0.12
C ILE A 298 14.34 -13.80 0.30
N GLU A 299 15.25 -14.75 0.09
CA GLU A 299 14.95 -16.17 0.25
C GLU A 299 15.30 -16.69 1.64
N GLY A 300 15.83 -15.82 2.49
CA GLY A 300 16.36 -16.23 3.79
C GLY A 300 15.47 -15.86 4.96
N LYS A 301 16.00 -16.11 6.14
CA LYS A 301 15.17 -16.23 7.36
C LYS A 301 14.53 -14.92 7.88
N GLN A 302 15.05 -13.77 7.46
CA GLN A 302 14.47 -12.47 7.80
C GLN A 302 13.39 -11.98 6.82
N SER A 303 13.30 -12.62 5.66
CA SER A 303 12.28 -12.26 4.66
C SER A 303 10.86 -12.51 5.19
N ARG A 304 9.99 -11.51 5.05
CA ARG A 304 8.59 -11.72 5.33
C ARG A 304 7.75 -11.40 4.10
N VAL A 305 8.35 -11.50 2.90
CA VAL A 305 7.65 -11.09 1.67
C VAL A 305 6.39 -11.90 1.35
N TRP A 306 6.27 -13.12 1.87
CA TRP A 306 5.18 -14.02 1.49
C TRP A 306 3.96 -13.77 2.31
N ASP A 307 4.15 -13.47 3.60
CA ASP A 307 3.06 -13.04 4.47
C ASP A 307 2.52 -11.71 4.02
N GLU A 308 3.45 -10.83 3.65
CA GLU A 308 3.15 -9.50 3.12
C GLU A 308 2.28 -9.61 1.87
N ALA A 309 2.60 -10.59 1.02
CA ALA A 309 1.82 -10.83 -0.18
C ALA A 309 0.40 -11.32 0.16
N GLU A 310 0.31 -12.28 1.09
CA GLU A 310 -0.99 -12.79 1.53
C GLU A 310 -1.84 -11.65 2.09
N ASN A 311 -1.22 -10.76 2.85
CA ASN A 311 -1.90 -9.62 3.47
C ASN A 311 -2.47 -8.57 2.49
N ARG A 312 -2.04 -8.63 1.22
CA ARG A 312 -2.68 -7.80 0.19
C ARG A 312 -4.21 -8.08 0.11
N LYS A 313 -4.54 -9.37 0.11
CA LYS A 313 -5.89 -9.82 0.01
C LYS A 313 -6.73 -9.43 1.22
N HIS A 314 -6.18 -9.62 2.42
CA HIS A 314 -6.91 -9.39 3.65
C HIS A 314 -7.17 -7.90 3.85
N THR A 315 -6.19 -7.07 3.50
CA THR A 315 -6.35 -5.62 3.55
C THR A 315 -7.32 -5.09 2.52
N ILE A 316 -7.26 -5.59 1.30
CA ILE A 316 -8.23 -5.22 0.27
C ILE A 316 -9.65 -5.59 0.67
N LYS A 317 -9.83 -6.81 1.19
CA LYS A 317 -11.15 -7.20 1.67
C LYS A 317 -11.65 -6.24 2.72
N ALA A 318 -10.77 -5.84 3.64
CA ALA A 318 -11.14 -4.87 4.68
C ALA A 318 -11.57 -3.51 4.14
N VAL A 319 -10.84 -3.01 3.16
CA VAL A 319 -11.20 -1.75 2.55
C VAL A 319 -12.62 -1.85 1.94
N MET A 320 -12.92 -2.98 1.30
CA MET A 320 -14.20 -3.17 0.64
C MET A 320 -15.33 -3.35 1.63
N ILE A 321 -15.07 -4.09 2.71
CA ILE A 321 -16.01 -4.20 3.80
C ILE A 321 -16.36 -2.83 4.41
N ALA A 322 -15.33 -2.07 4.79
CA ALA A 322 -15.48 -0.72 5.40
C ALA A 322 -16.28 0.28 4.56
N THR A 323 -16.07 0.23 3.26
CA THR A 323 -16.63 1.19 2.30
C THR A 323 -17.93 0.79 1.64
N LEU A 324 -18.21 -0.50 1.53
CA LEU A 324 -19.44 -0.97 0.89
C LEU A 324 -20.52 -1.36 1.85
N LEU A 325 -20.15 -1.76 3.06
CA LEU A 325 -21.13 -2.20 4.04
C LEU A 325 -21.20 -1.22 5.22
#